data_4LMZ
#
_entry.id   4LMZ
#
_cell.length_a   47.006
_cell.length_b   70.134
_cell.length_c   133.064
_cell.angle_alpha   90.00
_cell.angle_beta   90.00
_cell.angle_gamma   90.00
#
_symmetry.space_group_name_H-M   'I 2 2 2'
#
loop_
_entity.id
_entity.type
_entity.pdbx_description
1 polymer "RNA (5'-R(*GP*CP*UP*GP*CP*GP*UP*AP*UP*UP*GP*UP*UP*UP*G)-3')"
2 polymer 'CUGBP Elav-like family member 2'
#
loop_
_entity_poly.entity_id
_entity_poly.type
_entity_poly.pdbx_seq_one_letter_code
_entity_poly.pdbx_strand_id
1 'polyribonucleotide' GCUGCGUAUUGUUUG B
2 'polypeptide(L)'
;GSHMDPDAIKMFVGQIPRSWSEKELKELFEPYGAVYQINVLRDRSQNPPQSKGCCFVTFYTRKAALEAQNALHNIKTLPG
MHHPIQMKPADSEKSNAVEDRKLFIGMVSKKCNENDIRVMFSPFGQIEECRILRGPDGLSRGCAFVTFSTRAMAQNAIKA
MHQSQTMEGCSSPIVVKFAD
;
A
#
# COMPACT_ATOMS: atom_id res chain seq x y z
N ASP B 5 0.03 19.50 9.80
CA ASP B 5 -0.43 18.27 10.44
C ASP B 5 -1.34 17.46 9.51
N PRO B 6 -1.38 17.85 8.24
CA PRO B 6 -2.24 17.16 7.27
C PRO B 6 -1.48 16.13 6.44
N ASP B 7 -0.16 16.21 6.46
CA ASP B 7 0.70 15.30 5.70
C ASP B 7 1.57 14.46 6.62
N ALA B 8 1.16 14.36 7.88
CA ALA B 8 1.90 13.59 8.87
C ALA B 8 1.90 12.11 8.52
N ILE B 9 2.98 11.41 8.90
CA ILE B 9 3.10 9.98 8.62
C ILE B 9 3.32 9.20 9.90
N LYS B 10 2.32 8.45 10.34
CA LYS B 10 2.48 7.59 11.50
C LYS B 10 3.51 6.51 11.21
N MET B 11 4.45 6.33 12.13
CA MET B 11 5.55 5.40 11.93
C MET B 11 5.51 4.23 12.91
N PHE B 12 5.56 3.03 12.34
CA PHE B 12 5.77 1.80 13.09
C PHE B 12 7.26 1.64 13.40
N VAL B 13 7.56 1.41 14.68
CA VAL B 13 8.92 1.20 15.16
C VAL B 13 9.02 -0.14 15.87
N GLY B 14 10.09 -0.89 15.62
CA GLY B 14 10.23 -2.23 16.15
C GLY B 14 11.55 -2.54 16.82
N GLN B 15 11.53 -3.56 17.69
CA GLN B 15 12.73 -4.04 18.38
C GLN B 15 13.08 -3.28 19.66
N ILE B 16 12.23 -2.33 20.05
CA ILE B 16 12.42 -1.60 21.30
C ILE B 16 12.21 -2.53 22.50
N PRO B 17 13.00 -2.33 23.55
CA PRO B 17 12.86 -3.15 24.76
C PRO B 17 11.44 -3.14 25.32
N ARG B 18 10.96 -4.30 25.74
CA ARG B 18 9.58 -4.45 26.22
C ARG B 18 9.33 -3.74 27.54
N SER B 19 10.40 -3.29 28.19
CA SER B 19 10.27 -2.57 29.45
C SER B 19 9.98 -1.09 29.21
N TRP B 20 10.29 -0.61 28.03
CA TRP B 20 10.09 0.80 27.68
C TRP B 20 8.62 1.14 27.50
N SER B 21 8.18 2.20 28.18
CA SER B 21 6.81 2.69 28.01
C SER B 21 6.80 3.92 27.11
N GLU B 22 5.67 4.63 27.11
CA GLU B 22 5.52 5.82 26.29
C GLU B 22 6.48 6.94 26.70
N LYS B 23 6.86 6.95 27.97
CA LYS B 23 7.76 7.96 28.51
C LYS B 23 9.13 7.92 27.84
N GLU B 24 9.81 6.78 28.01
CA GLU B 24 11.13 6.56 27.44
C GLU B 24 11.14 6.75 25.94
N LEU B 25 10.08 6.27 25.29
CA LEU B 25 9.93 6.38 23.85
C LEU B 25 9.83 7.83 23.40
N LYS B 26 8.99 8.59 24.10
CA LYS B 26 8.86 10.03 23.83
C LYS B 26 10.22 10.69 23.95
N GLU B 27 10.91 10.40 25.06
CA GLU B 27 12.26 10.93 25.27
C GLU B 27 13.22 10.53 24.15
N LEU B 28 12.97 9.38 23.53
CA LEU B 28 13.80 8.92 22.41
C LEU B 28 13.52 9.68 21.13
N PHE B 29 12.24 9.92 20.84
CA PHE B 29 11.83 10.47 19.55
C PHE B 29 11.83 11.99 19.46
N GLU B 30 11.65 12.67 20.59
CA GLU B 30 11.58 14.14 20.58
C GLU B 30 12.79 14.92 19.99
N PRO B 31 14.03 14.38 20.07
CA PRO B 31 15.13 15.11 19.43
C PRO B 31 15.03 15.25 17.90
N TYR B 32 14.08 14.57 17.27
CA TYR B 32 13.97 14.60 15.81
C TYR B 32 12.80 15.45 15.34
N GLY B 33 12.06 16.00 16.29
CA GLY B 33 10.90 16.81 15.99
C GLY B 33 9.85 16.65 17.08
N ALA B 34 8.80 17.46 17.01
CA ALA B 34 7.72 17.40 17.99
C ALA B 34 6.83 16.18 17.73
N VAL B 35 6.44 15.50 18.80
CA VAL B 35 5.64 14.28 18.69
C VAL B 35 4.18 14.53 19.05
N TYR B 36 3.28 14.24 18.12
CA TYR B 36 1.86 14.40 18.38
C TYR B 36 1.34 13.31 19.31
N GLN B 37 1.56 12.04 18.96
CA GLN B 37 1.14 10.97 19.86
C GLN B 37 2.03 9.74 19.77
N ILE B 38 2.03 8.92 20.81
CA ILE B 38 2.88 7.73 20.82
C ILE B 38 2.23 6.60 21.62
N ASN B 39 2.23 5.40 21.05
CA ASN B 39 1.58 4.28 21.72
C ASN B 39 2.29 2.94 21.54
N VAL B 40 2.64 2.32 22.66
CA VAL B 40 3.23 1.00 22.66
C VAL B 40 2.20 -0.05 22.28
N LEU B 41 2.58 -0.99 21.42
CA LEU B 41 1.69 -2.07 21.03
C LEU B 41 1.61 -3.10 22.14
N ARG B 42 0.42 -3.27 22.71
CA ARG B 42 0.25 -4.14 23.88
C ARG B 42 -0.46 -5.45 23.59
N ASP B 43 -0.14 -6.45 24.41
CA ASP B 43 -0.72 -7.78 24.30
C ASP B 43 -1.58 -8.02 25.55
N ARG B 44 -2.90 -8.11 25.36
CA ARG B 44 -3.82 -8.32 26.46
C ARG B 44 -4.45 -9.72 26.43
N SER B 45 -3.77 -10.67 25.80
CA SER B 45 -4.26 -12.05 25.76
C SER B 45 -4.26 -12.66 27.15
N GLN B 46 -3.25 -12.32 27.95
CA GLN B 46 -3.17 -12.79 29.32
C GLN B 46 -2.54 -11.76 30.25
N ASN B 47 -2.57 -12.06 31.55
CA ASN B 47 -2.07 -11.15 32.56
C ASN B 47 -0.65 -11.47 33.02
N PRO B 48 0.18 -10.43 33.24
CA PRO B 48 -0.15 -9.03 33.01
C PRO B 48 -0.01 -8.68 31.52
N PRO B 49 -0.73 -7.64 31.06
CA PRO B 49 -0.58 -7.21 29.68
C PRO B 49 0.86 -6.77 29.42
N GLN B 50 1.39 -7.09 28.25
CA GLN B 50 2.80 -6.81 27.98
C GLN B 50 3.03 -6.09 26.67
N SER B 51 4.16 -5.38 26.59
CA SER B 51 4.57 -4.72 25.37
C SER B 51 4.93 -5.73 24.30
N LYS B 52 4.82 -5.31 23.04
CA LYS B 52 5.14 -6.19 21.91
C LYS B 52 6.51 -5.85 21.33
N GLY B 53 7.25 -4.98 22.02
CA GLY B 53 8.57 -4.59 21.56
C GLY B 53 8.49 -3.67 20.36
N CYS B 54 7.33 -3.04 20.18
CA CYS B 54 7.13 -2.12 19.08
C CYS B 54 6.11 -1.04 19.44
N CYS B 55 6.09 0.04 18.67
CA CYS B 55 5.20 1.15 18.96
C CYS B 55 4.86 1.97 17.74
N PHE B 56 3.86 2.83 17.88
CA PHE B 56 3.54 3.80 16.85
C PHE B 56 3.90 5.21 17.33
N VAL B 57 4.71 5.90 16.51
CA VAL B 57 5.03 7.29 16.78
C VAL B 57 4.40 8.18 15.72
N THR B 58 3.74 9.23 16.17
CA THR B 58 3.07 10.16 15.28
C THR B 58 3.63 11.56 15.51
N PHE B 59 4.53 11.95 14.60
CA PHE B 59 5.13 13.28 14.62
C PHE B 59 4.15 14.32 14.10
N TYR B 60 4.33 15.57 14.53
CA TYR B 60 3.56 16.67 13.99
C TYR B 60 3.87 16.88 12.52
N THR B 61 5.16 16.95 12.20
CA THR B 61 5.58 17.19 10.82
C THR B 61 5.98 15.91 10.09
N ARG B 62 5.80 15.92 8.78
CA ARG B 62 6.26 14.84 7.92
C ARG B 62 7.78 14.80 7.94
N LYS B 63 8.38 15.98 7.94
CA LYS B 63 9.83 16.15 7.95
C LYS B 63 10.46 15.42 9.14
N ALA B 64 9.87 15.63 10.31
CA ALA B 64 10.35 14.99 11.54
C ALA B 64 10.35 13.48 11.42
N ALA B 65 9.30 12.93 10.82
CA ALA B 65 9.18 11.48 10.67
C ALA B 65 10.20 10.93 9.68
N LEU B 66 10.27 11.54 8.51
CA LEU B 66 11.19 11.12 7.46
C LEU B 66 12.64 11.16 7.96
N GLU B 67 12.99 12.23 8.66
CA GLU B 67 14.35 12.38 9.20
C GLU B 67 14.65 11.41 10.34
N ALA B 68 13.73 11.33 11.30
CA ALA B 68 13.86 10.40 12.42
C ALA B 68 14.11 9.00 11.90
N GLN B 69 13.30 8.58 10.93
CA GLN B 69 13.47 7.28 10.27
C GLN B 69 14.82 7.16 9.58
N ASN B 70 15.20 8.17 8.83
CA ASN B 70 16.46 8.16 8.09
C ASN B 70 17.68 8.00 9.00
N ALA B 71 17.56 8.51 10.22
CA ALA B 71 18.66 8.47 11.18
C ALA B 71 18.53 7.35 12.20
N LEU B 72 17.40 6.65 12.19
CA LEU B 72 17.14 5.59 13.16
C LEU B 72 17.09 4.20 12.53
N HIS B 73 16.35 4.08 11.44
CA HIS B 73 16.16 2.79 10.77
C HIS B 73 17.50 2.15 10.41
N ASN B 74 17.73 0.95 10.95
CA ASN B 74 18.97 0.21 10.74
C ASN B 74 20.24 0.93 11.19
N ILE B 75 20.07 1.98 12.01
CA ILE B 75 21.21 2.71 12.54
C ILE B 75 21.28 2.61 14.06
N LYS B 76 20.23 3.11 14.72
CA LYS B 76 20.20 3.14 16.18
C LYS B 76 19.88 1.77 16.77
N THR B 77 20.44 1.49 17.94
CA THR B 77 20.20 0.23 18.64
C THR B 77 19.97 0.49 20.13
N LEU B 78 18.81 0.07 20.64
CA LEU B 78 18.43 0.37 22.02
C LEU B 78 19.04 -0.61 23.01
N PRO B 79 19.40 -0.12 24.21
CA PRO B 79 19.86 -0.98 25.30
C PRO B 79 18.71 -1.79 25.88
N GLY B 80 18.84 -3.12 25.84
CA GLY B 80 19.99 -3.77 25.25
C GLY B 80 19.58 -4.73 24.16
N MET B 81 19.34 -4.19 22.97
CA MET B 81 18.87 -5.00 21.84
C MET B 81 20.04 -5.49 20.99
N HIS B 82 19.83 -6.62 20.31
CA HIS B 82 20.85 -7.18 19.43
C HIS B 82 20.72 -6.62 18.02
N HIS B 83 19.55 -6.06 17.72
CA HIS B 83 19.28 -5.54 16.38
C HIS B 83 18.96 -4.05 16.36
N PRO B 84 19.40 -3.36 15.31
CA PRO B 84 19.08 -1.94 15.08
C PRO B 84 17.57 -1.69 15.05
N ILE B 85 17.15 -0.46 15.36
CA ILE B 85 15.76 -0.06 15.27
C ILE B 85 15.23 -0.26 13.85
N GLN B 86 14.05 -0.87 13.74
CA GLN B 86 13.37 -0.92 12.45
C GLN B 86 12.27 0.13 12.45
N MET B 87 12.17 0.91 11.39
CA MET B 87 11.20 2.00 11.36
C MET B 87 10.64 2.23 9.96
N LYS B 88 9.32 2.27 9.84
CA LYS B 88 8.68 2.44 8.53
C LYS B 88 7.31 3.08 8.69
N PRO B 89 6.79 3.71 7.64
CA PRO B 89 5.43 4.25 7.71
C PRO B 89 4.40 3.17 8.04
N ALA B 90 3.47 3.48 8.93
CA ALA B 90 2.51 2.50 9.45
C ALA B 90 1.54 2.00 8.38
N ASP B 91 0.98 0.81 8.61
CA ASP B 91 0.03 0.20 7.69
C ASP B 91 -1.27 0.98 7.59
N SER B 92 -1.58 1.74 8.63
CA SER B 92 -2.82 2.51 8.66
C SER B 92 -2.73 3.75 7.78
N GLU B 93 -1.52 4.00 7.28
CA GLU B 93 -1.22 5.20 6.50
C GLU B 93 -1.37 4.96 5.01
N LYS B 94 -1.82 3.77 4.64
CA LYS B 94 -1.92 3.42 3.24
C LYS B 94 -3.23 3.95 2.65
N SER B 95 -3.24 5.24 2.38
CA SER B 95 -4.39 5.89 1.76
C SER B 95 -4.62 5.29 0.39
N ASN B 96 -3.53 5.02 -0.32
CA ASN B 96 -3.62 4.43 -1.65
C ASN B 96 -3.24 2.95 -1.64
N ALA B 97 -4.15 2.13 -2.16
CA ALA B 97 -3.97 0.68 -2.23
C ALA B 97 -4.28 0.16 -3.63
N VAL B 98 -3.24 -0.34 -4.30
CA VAL B 98 -3.34 -0.89 -5.65
C VAL B 98 -4.48 -1.90 -5.77
N GLU B 99 -4.66 -2.70 -4.74
CA GLU B 99 -5.72 -3.71 -4.71
C GLU B 99 -7.12 -3.11 -4.88
N ASP B 100 -7.26 -1.82 -4.54
CA ASP B 100 -8.54 -1.14 -4.68
C ASP B 100 -8.57 -0.22 -5.90
N ARG B 101 -7.61 -0.37 -6.79
CA ARG B 101 -7.57 0.40 -8.03
C ARG B 101 -7.34 -0.51 -9.21
N LYS B 102 -6.84 -1.72 -8.94
CA LYS B 102 -6.55 -2.68 -9.99
C LYS B 102 -7.83 -3.22 -10.60
N LEU B 103 -7.93 -3.16 -11.91
CA LEU B 103 -9.10 -3.66 -12.63
C LEU B 103 -8.77 -4.90 -13.45
N PHE B 104 -9.47 -5.99 -13.16
CA PHE B 104 -9.50 -7.15 -14.03
C PHE B 104 -10.39 -6.90 -15.25
N ILE B 105 -9.83 -7.21 -16.41
CA ILE B 105 -10.53 -7.08 -17.68
C ILE B 105 -10.64 -8.44 -18.35
N GLY B 106 -11.82 -9.04 -18.30
CA GLY B 106 -12.05 -10.33 -18.93
C GLY B 106 -12.66 -10.20 -20.31
N MET B 107 -12.71 -11.32 -21.04
CA MET B 107 -13.27 -11.36 -22.39
C MET B 107 -12.56 -10.42 -23.37
N VAL B 108 -11.24 -10.31 -23.22
CA VAL B 108 -10.42 -9.57 -24.17
C VAL B 108 -10.06 -10.47 -25.34
N SER B 109 -10.12 -9.93 -26.55
CA SER B 109 -9.70 -10.67 -27.74
C SER B 109 -8.28 -11.18 -27.55
N LYS B 110 -8.07 -12.45 -27.89
CA LYS B 110 -6.76 -13.07 -27.71
C LYS B 110 -5.65 -12.35 -28.48
N LYS B 111 -6.04 -11.67 -29.56
CA LYS B 111 -5.08 -10.98 -30.41
C LYS B 111 -4.51 -9.74 -29.74
N CYS B 112 -5.32 -9.10 -28.90
CA CYS B 112 -4.96 -7.81 -28.30
C CYS B 112 -3.66 -7.89 -27.53
N ASN B 113 -2.98 -6.75 -27.41
CA ASN B 113 -1.84 -6.64 -26.52
C ASN B 113 -1.98 -5.46 -25.56
N GLU B 114 -0.90 -5.18 -24.84
CA GLU B 114 -0.76 -4.10 -23.87
C GLU B 114 -1.35 -2.76 -24.34
N ASN B 115 -0.82 -2.24 -25.45
CA ASN B 115 -1.25 -0.95 -25.99
C ASN B 115 -2.70 -0.96 -26.46
N ASP B 116 -3.12 -2.09 -27.03
CA ASP B 116 -4.47 -2.26 -27.55
C ASP B 116 -5.51 -2.08 -26.43
N ILE B 117 -5.14 -2.49 -25.22
CA ILE B 117 -5.98 -2.32 -24.04
C ILE B 117 -5.85 -0.89 -23.54
N ARG B 118 -4.60 -0.44 -23.51
CA ARG B 118 -4.23 0.88 -23.02
C ARG B 118 -5.04 1.99 -23.69
N VAL B 119 -5.17 1.95 -25.00
CA VAL B 119 -5.94 2.93 -25.74
C VAL B 119 -7.44 2.84 -25.38
N MET B 120 -7.92 1.62 -25.18
CA MET B 120 -9.31 1.41 -24.82
C MET B 120 -9.65 2.04 -23.48
N PHE B 121 -8.73 1.98 -22.53
CA PHE B 121 -9.03 2.50 -21.18
C PHE B 121 -8.43 3.86 -20.85
N SER B 122 -7.68 4.45 -21.78
CA SER B 122 -7.09 5.77 -21.61
C SER B 122 -8.06 6.92 -21.25
N PRO B 123 -9.23 7.01 -21.93
CA PRO B 123 -10.11 8.15 -21.67
C PRO B 123 -10.64 8.30 -20.23
N PHE B 124 -10.49 7.29 -19.39
CA PHE B 124 -11.08 7.32 -18.06
C PHE B 124 -10.07 7.64 -16.96
N GLY B 125 -8.79 7.67 -17.32
CA GLY B 125 -7.74 7.97 -16.37
C GLY B 125 -6.35 7.65 -16.87
N GLN B 126 -5.37 7.78 -15.98
CA GLN B 126 -3.98 7.54 -16.32
C GLN B 126 -3.53 6.16 -15.83
N ILE B 127 -3.08 5.34 -16.76
CA ILE B 127 -2.62 3.99 -16.43
C ILE B 127 -1.31 4.02 -15.64
N GLU B 128 -1.28 3.31 -14.52
CA GLU B 128 -0.02 3.03 -13.85
C GLU B 128 0.70 1.95 -14.64
N GLU B 129 0.14 0.74 -14.63
CA GLU B 129 0.70 -0.37 -15.38
C GLU B 129 -0.36 -1.14 -16.17
N CYS B 130 0.01 -1.58 -17.37
CA CYS B 130 -0.88 -2.39 -18.19
C CYS B 130 -0.26 -3.75 -18.48
N ARG B 131 -1.01 -4.83 -18.24
CA ARG B 131 -0.49 -6.18 -18.43
C ARG B 131 -1.51 -7.13 -19.08
N ILE B 132 -0.98 -8.12 -19.78
CA ILE B 132 -1.79 -9.19 -20.35
C ILE B 132 -1.42 -10.49 -19.66
N LEU B 133 -2.36 -11.03 -18.88
CA LEU B 133 -2.18 -12.37 -18.33
C LEU B 133 -2.21 -13.34 -19.50
N ARG B 134 -1.17 -14.16 -19.61
CA ARG B 134 -1.06 -15.04 -20.76
C ARG B 134 -0.26 -16.29 -20.43
N GLY B 135 0.07 -17.04 -21.48
CA GLY B 135 1.02 -18.13 -21.36
C GLY B 135 0.44 -19.49 -20.99
N PRO B 136 1.23 -20.31 -20.28
CA PRO B 136 2.56 -20.02 -19.71
C PRO B 136 3.60 -19.78 -20.80
N ASP B 137 3.65 -20.67 -21.78
CA ASP B 137 4.38 -20.42 -23.02
C ASP B 137 3.38 -20.46 -24.16
N GLY B 138 2.09 -20.38 -23.81
CA GLY B 138 1.03 -20.34 -24.80
C GLY B 138 0.83 -18.92 -25.29
N LEU B 139 -0.41 -18.58 -25.63
CA LEU B 139 -0.73 -17.22 -26.03
C LEU B 139 -1.44 -16.51 -24.89
N SER B 140 -2.20 -15.48 -25.24
CA SER B 140 -2.98 -14.73 -24.25
C SER B 140 -4.07 -15.61 -23.66
N ARG B 141 -4.45 -15.30 -22.42
CA ARG B 141 -5.52 -16.01 -21.75
C ARG B 141 -6.84 -15.25 -21.83
N GLY B 142 -6.89 -14.27 -22.72
CA GLY B 142 -8.11 -13.53 -23.00
C GLY B 142 -8.48 -12.50 -21.95
N CYS B 143 -7.55 -12.18 -21.07
CA CYS B 143 -7.81 -11.23 -19.99
C CYS B 143 -6.60 -10.39 -19.62
N ALA B 144 -6.85 -9.24 -18.99
CA ALA B 144 -5.78 -8.32 -18.63
C ALA B 144 -6.00 -7.65 -17.27
N PHE B 145 -4.90 -7.22 -16.66
CA PHE B 145 -4.94 -6.40 -15.45
C PHE B 145 -4.57 -4.97 -15.81
N VAL B 146 -5.27 -4.01 -15.21
CA VAL B 146 -4.95 -2.61 -15.46
C VAL B 146 -5.07 -1.73 -14.20
N THR B 147 -3.98 -1.07 -13.83
CA THR B 147 -3.98 -0.20 -12.67
C THR B 147 -4.22 1.25 -13.07
N PHE B 148 -5.16 1.90 -12.39
CA PHE B 148 -5.43 3.33 -12.61
C PHE B 148 -4.86 4.13 -11.44
N SER B 149 -4.50 5.39 -11.70
CA SER B 149 -3.91 6.24 -10.68
C SER B 149 -4.88 6.55 -9.54
N THR B 150 -6.03 7.15 -9.88
CA THR B 150 -7.08 7.35 -8.90
C THR B 150 -7.92 6.09 -8.82
N ARG B 151 -8.95 6.10 -7.97
CA ARG B 151 -9.88 4.98 -7.92
C ARG B 151 -11.14 5.29 -8.70
N ALA B 152 -11.59 6.54 -8.60
CA ALA B 152 -12.77 7.00 -9.32
C ALA B 152 -12.60 6.80 -10.83
N MET B 153 -11.35 6.89 -11.28
CA MET B 153 -10.98 6.56 -12.66
C MET B 153 -11.49 5.17 -13.03
N ALA B 154 -11.13 4.19 -12.21
CA ALA B 154 -11.52 2.80 -12.42
C ALA B 154 -13.04 2.64 -12.35
N GLN B 155 -13.64 3.28 -11.36
CA GLN B 155 -15.09 3.23 -11.18
C GLN B 155 -15.82 3.87 -12.35
N ASN B 156 -15.10 4.67 -13.13
CA ASN B 156 -15.63 5.22 -14.37
C ASN B 156 -15.46 4.23 -15.52
N ALA B 157 -14.26 3.65 -15.61
CA ALA B 157 -13.97 2.65 -16.63
C ALA B 157 -14.97 1.49 -16.58
N ILE B 158 -15.36 1.10 -15.37
CA ILE B 158 -16.33 0.04 -15.18
C ILE B 158 -17.70 0.43 -15.74
N LYS B 159 -18.30 1.46 -15.17
CA LYS B 159 -19.63 1.92 -15.58
C LYS B 159 -19.72 2.19 -17.08
N ALA B 160 -18.63 2.72 -17.65
CA ALA B 160 -18.63 3.06 -19.06
C ALA B 160 -18.37 1.87 -19.99
N MET B 161 -17.58 0.91 -19.55
CA MET B 161 -17.15 -0.15 -20.46
C MET B 161 -17.38 -1.61 -20.05
N HIS B 162 -18.11 -1.84 -18.97
CA HIS B 162 -18.46 -3.21 -18.61
C HIS B 162 -19.51 -3.73 -19.60
N GLN B 163 -19.14 -4.79 -20.32
CA GLN B 163 -20.01 -5.40 -21.33
C GLN B 163 -20.45 -4.39 -22.39
N SER B 164 -19.56 -3.47 -22.71
CA SER B 164 -19.84 -2.44 -23.70
C SER B 164 -19.78 -3.00 -25.11
N GLN B 165 -19.05 -4.10 -25.27
CA GLN B 165 -18.80 -4.67 -26.59
C GLN B 165 -18.30 -6.10 -26.48
N THR B 166 -18.37 -6.83 -27.59
CA THR B 166 -17.78 -8.15 -27.68
C THR B 166 -16.59 -8.10 -28.64
N MET B 167 -15.45 -8.61 -28.20
CA MET B 167 -14.24 -8.56 -29.01
C MET B 167 -14.06 -9.82 -29.86
N GLU B 168 -12.99 -9.86 -30.64
CA GLU B 168 -12.74 -10.94 -31.59
C GLU B 168 -12.45 -12.28 -30.91
N GLY B 169 -13.15 -13.32 -31.34
CA GLY B 169 -12.93 -14.65 -30.81
C GLY B 169 -13.54 -14.87 -29.43
N CYS B 170 -14.22 -13.86 -28.91
CA CYS B 170 -14.73 -13.92 -27.54
C CYS B 170 -16.21 -14.31 -27.46
N SER B 171 -16.52 -15.18 -26.50
CA SER B 171 -17.87 -15.75 -26.37
C SER B 171 -18.88 -14.79 -25.75
N SER B 172 -18.39 -13.84 -24.96
CA SER B 172 -19.28 -12.92 -24.24
C SER B 172 -18.71 -11.51 -24.25
N PRO B 173 -19.57 -10.49 -24.07
CA PRO B 173 -19.10 -9.10 -24.01
C PRO B 173 -18.04 -8.90 -22.94
N ILE B 174 -17.14 -7.95 -23.19
CA ILE B 174 -16.00 -7.66 -22.32
C ILE B 174 -16.42 -7.46 -20.87
N VAL B 175 -15.65 -7.98 -19.92
CA VAL B 175 -15.94 -7.74 -18.52
C VAL B 175 -14.90 -6.79 -17.92
N VAL B 176 -15.38 -5.85 -17.11
CA VAL B 176 -14.51 -4.88 -16.46
C VAL B 176 -14.92 -4.77 -15.00
N LYS B 177 -14.08 -5.27 -14.10
CA LYS B 177 -14.44 -5.31 -12.69
C LYS B 177 -13.19 -5.15 -11.84
N PHE B 178 -13.36 -4.80 -10.57
CA PHE B 178 -12.22 -4.73 -9.67
C PHE B 178 -11.62 -6.11 -9.46
N ALA B 179 -10.30 -6.19 -9.43
CA ALA B 179 -9.60 -7.45 -9.25
C ALA B 179 -9.96 -8.07 -7.90
N ASP B 180 -9.98 -9.40 -7.84
CA ASP B 180 -10.36 -10.13 -6.64
C ASP B 180 -9.50 -9.76 -5.44
#